data_6GBW
#
_entry.id   6GBW
#
_cell.length_a   69.840
_cell.length_b   71.119
_cell.length_c   72.858
_cell.angle_alpha   90.00
_cell.angle_beta   100.58
_cell.angle_gamma   90.00
#
_symmetry.space_group_name_H-M   'C 1 2 1'
#
loop_
_entity.id
_entity.type
_entity.pdbx_description
1 polymer Prothrombin
2 polymer Prothrombin
3 polymer 'Hirudin variant-2'
4 non-polymer 2-acetamido-2-deoxy-beta-D-glucopyranose
5 non-polymer 'SODIUM ION'
6 non-polymer 'DIMETHYL SULFOXIDE'
7 non-polymer (2~{S})-~{N}-[[2-(aminomethyl)-5-chloranyl-phenyl]methyl]-1-[(2~{S})-5-carbamimidamido-2-[(phenylmethyl)sulfonylamino]pentanoyl]pyrrolidine-2-carboxamide
8 water water
#
loop_
_entity_poly.entity_id
_entity_poly.type
_entity_poly.pdbx_seq_one_letter_code
_entity_poly.pdbx_strand_id
1 'polypeptide(L)' TFGSGEADCGLRPLFEKKSLEDKTERELLESYIDGR L
2 'polypeptide(L)'
;IVEGSDAEIGMSPWQVMLFRKSPQELLCGASLISDRWVLTAAHCLLYPPWDKNFTENDLLVRIGKHSRTRYERNIEKISM
LEKIYIHPRYNWRENLDRDIALMKLKKPVAFSDYIHPVCLPDRETAASLLQAGYKGRVTGWGNLKETWTANVGKGQPSVL
QVVNLPIVERPVCKDSTRIRITDNMFCAGYKPDEGKRGDACEGDSGGPFVMKSPFNNRWYQMGIVSWGEGCDRDGKYGFY
THVFRLKKWIQKVIDQFGE
;
H
3 'polypeptide(L)' GDFEEIPEE(TYS)LQ I
#
# COMPACT_ATOMS: atom_id res chain seq x y z
N GLU A 6 9.07 14.59 -2.07
CA GLU A 6 10.23 14.69 -2.98
C GLU A 6 9.78 15.31 -4.30
N ALA A 7 10.65 16.15 -4.87
CA ALA A 7 10.31 16.82 -6.13
C ALA A 7 10.06 15.82 -7.25
N ASP A 8 10.66 14.65 -7.14
N ASP A 8 10.70 14.65 -7.24
CA ASP A 8 10.62 13.59 -8.14
CA ASP A 8 10.45 13.66 -8.28
C ASP A 8 9.65 12.47 -7.77
C ASP A 8 9.66 12.47 -7.76
N CYS A 9 8.82 12.69 -6.76
CA CYS A 9 7.98 11.61 -6.27
C CYS A 9 7.06 11.13 -7.38
N GLY A 10 6.71 9.85 -7.33
CA GLY A 10 5.68 9.33 -8.19
C GLY A 10 6.06 9.12 -9.64
N LEU A 11 7.33 9.33 -10.00
CA LEU A 11 7.81 9.15 -11.36
C LEU A 11 8.77 7.96 -11.33
N ARG A 12 8.34 6.83 -11.90
CA ARG A 12 9.10 5.58 -11.74
C ARG A 12 10.31 5.55 -12.66
N PRO A 13 11.49 5.21 -12.14
CA PRO A 13 12.68 5.12 -13.01
C PRO A 13 12.51 4.27 -14.25
N LEU A 14 11.80 3.14 -14.16
CA LEU A 14 11.71 2.23 -15.30
C LEU A 14 10.48 2.47 -16.16
N PHE A 15 9.67 3.48 -15.84
CA PHE A 15 8.46 3.79 -16.59
C PHE A 15 8.40 5.27 -16.93
N GLU A 16 7.83 6.11 -16.07
CA GLU A 16 7.68 7.53 -16.42
C GLU A 16 9.01 8.17 -16.79
N LYS A 17 10.10 7.83 -16.07
N LYS A 17 10.09 7.85 -16.07
CA LYS A 17 11.37 8.51 -16.30
CA LYS A 17 11.36 8.49 -16.37
C LYS A 17 11.88 8.29 -17.73
C LYS A 17 11.96 8.02 -17.70
N LYS A 18 11.56 7.14 -18.33
N LYS A 18 11.42 6.94 -18.26
CA LYS A 18 11.99 6.81 -19.68
CA LYS A 18 11.83 6.43 -19.57
C LYS A 18 10.84 6.88 -20.69
C LYS A 18 10.75 6.65 -20.62
N SER A 19 9.67 7.34 -20.28
CA SER A 19 8.49 7.40 -21.13
C SER A 19 8.07 6.00 -21.62
N LEU A 20 8.12 5.01 -20.72
CA LEU A 20 7.56 3.68 -20.96
C LEU A 20 6.33 3.48 -20.09
N GLU A 21 5.28 2.92 -20.68
N GLU A 21 5.34 2.80 -20.66
CA GLU A 21 4.07 2.61 -19.92
CA GLU A 21 4.04 2.57 -20.04
C GLU A 21 4.09 1.17 -19.46
C GLU A 21 3.94 1.14 -19.55
N ASP A 22 3.45 0.95 -18.32
CA ASP A 22 3.22 -0.40 -17.84
C ASP A 22 1.98 -0.98 -18.52
N LYS A 23 1.77 -2.29 -18.35
CA LYS A 23 0.78 -2.99 -19.17
C LYS A 23 -0.66 -2.67 -18.80
N THR A 24 -0.94 -2.08 -17.64
CA THR A 24 -2.34 -1.83 -17.26
C THR A 24 -2.63 -0.41 -16.80
N GLU A 25 -1.67 0.52 -16.87
CA GLU A 25 -1.98 1.87 -16.41
C GLU A 25 -3.05 2.53 -17.26
N ARG A 26 -3.16 2.14 -18.53
CA ARG A 26 -4.20 2.70 -19.38
C ARG A 26 -5.60 2.42 -18.83
N GLU A 27 -5.78 1.26 -18.18
CA GLU A 27 -7.07 0.97 -17.56
C GLU A 27 -7.43 2.02 -16.52
N LEU A 28 -6.44 2.51 -15.77
CA LEU A 28 -6.71 3.57 -14.82
C LEU A 28 -7.10 4.85 -15.55
N LEU A 29 -6.31 5.24 -16.55
CA LEU A 29 -6.59 6.48 -17.26
C LEU A 29 -8.00 6.47 -17.84
N GLU A 30 -8.40 5.35 -18.43
CA GLU A 30 -9.70 5.27 -19.08
C GLU A 30 -10.84 5.39 -18.09
N SER A 31 -10.60 5.11 -16.81
CA SER A 31 -11.63 5.25 -15.80
C SER A 31 -11.78 6.67 -15.30
N TYR A 32 -10.83 7.55 -15.62
CA TYR A 32 -10.85 8.94 -15.13
C TYR A 32 -11.64 9.76 -16.13
N ILE A 33 -12.97 9.64 -16.04
N ILE A 33 -12.96 9.65 -16.02
CA ILE A 33 -13.88 10.15 -17.05
CA ILE A 33 -13.88 10.25 -16.98
C ILE A 33 -14.68 11.33 -16.52
C ILE A 33 -14.33 11.62 -16.47
N ILE B 1 -3.09 -10.59 -2.58
CA ILE B 1 -3.95 -10.02 -3.62
C ILE B 1 -4.69 -11.15 -4.30
N VAL B 2 -6.02 -11.04 -4.39
CA VAL B 2 -6.86 -12.03 -5.05
C VAL B 2 -7.16 -11.54 -6.45
N GLU B 3 -6.98 -12.43 -7.44
CA GLU B 3 -7.35 -12.16 -8.83
C GLU B 3 -6.52 -11.02 -9.44
N GLY B 4 -5.28 -10.87 -8.99
CA GLY B 4 -4.32 -9.95 -9.57
C GLY B 4 -3.35 -10.64 -10.51
N SER B 5 -2.27 -9.95 -10.83
N SER B 5 -2.27 -9.95 -10.83
CA SER B 5 -1.24 -10.49 -11.71
CA SER B 5 -1.25 -10.46 -11.72
C SER B 5 0.12 -10.15 -11.15
C SER B 5 0.12 -10.16 -11.13
N ASP B 6 1.15 -10.81 -11.68
CA ASP B 6 2.51 -10.52 -11.29
C ASP B 6 2.85 -9.08 -11.70
N ALA B 7 3.47 -8.36 -10.79
CA ALA B 7 3.96 -7.04 -11.11
C ALA B 7 5.07 -7.11 -12.15
N GLU B 8 5.19 -6.04 -12.93
CA GLU B 8 6.37 -5.84 -13.77
C GLU B 8 7.52 -5.35 -12.90
N ILE B 9 8.74 -5.61 -13.38
CA ILE B 9 9.91 -5.13 -12.66
C ILE B 9 9.85 -3.60 -12.57
N GLY B 10 10.03 -3.09 -11.35
CA GLY B 10 10.03 -1.65 -11.13
C GLY B 10 8.67 -1.00 -11.24
N MET B 11 7.59 -1.79 -11.23
CA MET B 11 6.25 -1.24 -11.42
C MET B 11 5.77 -0.44 -10.21
N SER B 12 6.26 -0.80 -9.02
N SER B 12 6.18 -0.84 -9.01
CA SER B 12 5.79 -0.23 -7.76
CA SER B 12 5.78 -0.21 -7.76
C SER B 12 7.00 0.01 -6.88
C SER B 12 7.03 -0.02 -6.91
N PRO B 13 7.89 0.94 -7.28
CA PRO B 13 9.19 1.05 -6.60
C PRO B 13 9.10 1.65 -5.22
N TRP B 14 7.92 2.11 -4.83
CA TRP B 14 7.62 2.53 -3.47
C TRP B 14 7.16 1.39 -2.57
N GLN B 15 6.96 0.19 -3.10
N GLN B 15 6.99 0.20 -3.11
CA GLN B 15 6.41 -0.88 -2.28
CA GLN B 15 6.53 -0.93 -2.31
C GLN B 15 7.45 -1.34 -1.25
C GLN B 15 7.52 -1.22 -1.20
N VAL B 16 7.00 -1.46 0.00
CA VAL B 16 7.84 -1.85 1.12
C VAL B 16 7.24 -3.09 1.76
N MET B 17 8.10 -4.00 2.18
CA MET B 17 7.70 -5.17 2.96
C MET B 17 8.10 -4.94 4.41
N LEU B 18 7.11 -5.03 5.32
N LEU B 18 7.10 -5.00 5.32
CA LEU B 18 7.38 -5.04 6.75
CA LEU B 18 7.38 -5.06 6.73
C LEU B 18 7.67 -6.49 7.14
C LEU B 18 7.69 -6.49 7.11
N PHE B 19 8.81 -6.70 7.79
CA PHE B 19 9.36 -8.04 8.00
C PHE B 19 9.69 -8.21 9.47
N ARG B 20 9.22 -9.32 10.03
N ARG B 20 9.20 -9.32 10.04
CA ARG B 20 9.51 -9.64 11.42
CA ARG B 20 9.51 -9.65 11.43
C ARG B 20 10.90 -10.26 11.52
C ARG B 20 10.91 -10.25 11.50
N LYS B 21 11.65 -9.86 12.53
CA LYS B 21 13.02 -10.35 12.70
C LYS B 21 13.04 -11.82 13.13
N SER B 22 12.21 -12.18 14.10
CA SER B 22 12.25 -13.52 14.68
C SER B 22 10.85 -13.92 15.15
N PRO B 23 10.23 -14.92 14.52
CA PRO B 23 10.68 -15.67 13.33
C PRO B 23 10.68 -14.77 12.11
N GLN B 24 11.59 -15.01 11.16
CA GLN B 24 11.66 -14.18 9.96
C GLN B 24 10.43 -14.44 9.10
N GLU B 25 9.53 -13.45 9.01
CA GLU B 25 8.32 -13.65 8.23
C GLU B 25 7.77 -12.31 7.78
N LEU B 26 6.93 -12.36 6.75
CA LEU B 26 6.27 -11.15 6.28
C LEU B 26 5.20 -10.74 7.28
N LEU B 27 5.16 -9.45 7.60
CA LEU B 27 4.13 -8.91 8.48
C LEU B 27 3.08 -8.10 7.75
N CYS B 28 3.44 -7.36 6.71
CA CYS B 28 2.52 -6.40 6.11
C CYS B 28 3.22 -5.79 4.91
N GLY B 29 2.43 -5.05 4.13
CA GLY B 29 2.97 -4.09 3.20
C GLY B 29 3.08 -2.71 3.81
N ALA B 30 3.64 -1.81 3.01
CA ALA B 30 3.96 -0.44 3.40
C ALA B 30 4.41 0.28 2.13
N SER B 31 4.69 1.57 2.26
CA SER B 31 5.13 2.36 1.10
C SER B 31 6.17 3.39 1.50
N LEU B 32 7.05 3.69 0.55
CA LEU B 32 8.13 4.65 0.73
C LEU B 32 7.64 6.01 0.28
N ILE B 33 7.67 6.99 1.19
CA ILE B 33 7.22 8.35 0.88
C ILE B 33 8.35 9.37 0.89
N SER B 34 9.55 8.99 1.34
CA SER B 34 10.75 9.81 1.23
C SER B 34 11.92 8.89 1.49
N ASP B 35 13.14 9.46 1.53
CA ASP B 35 14.28 8.59 1.78
C ASP B 35 14.35 8.09 3.22
N ARG B 36 13.52 8.59 4.12
CA ARG B 36 13.59 8.22 5.53
C ARG B 36 12.26 7.81 6.14
N TRP B 37 11.16 7.88 5.40
CA TRP B 37 9.83 7.69 5.97
C TRP B 37 9.06 6.64 5.18
N VAL B 38 8.42 5.73 5.91
CA VAL B 38 7.60 4.66 5.36
C VAL B 38 6.21 4.76 5.97
N LEU B 39 5.19 4.62 5.13
CA LEU B 39 3.79 4.71 5.53
C LEU B 39 3.19 3.30 5.55
N THR B 40 2.37 3.01 6.57
CA THR B 40 1.71 1.71 6.66
C THR B 40 0.39 1.88 7.40
N ALA B 41 -0.30 0.76 7.62
CA ALA B 41 -1.51 0.73 8.43
C ALA B 41 -1.13 0.59 9.89
N ALA B 42 -1.89 1.28 10.75
CA ALA B 42 -1.66 1.16 12.19
C ALA B 42 -1.85 -0.29 12.65
N HIS B 43 -2.80 -1.01 12.06
CA HIS B 43 -3.03 -2.36 12.55
C HIS B 43 -1.91 -3.32 12.22
N CYS B 44 -1.00 -2.95 11.32
CA CYS B 44 0.21 -3.72 11.08
C CYS B 44 1.16 -3.71 12.28
N LEU B 45 1.03 -2.72 13.16
CA LEU B 45 1.92 -2.52 14.28
C LEU B 45 1.22 -2.67 15.62
N LEU B 46 -0.06 -2.35 15.69
CA LEU B 46 -0.80 -2.36 16.94
C LEU B 46 -2.19 -2.92 16.68
N TYR B 47 -2.49 -4.09 17.24
CA TYR B 47 -3.82 -4.67 17.12
C TYR B 47 -4.03 -5.59 18.33
N PRO B 48 -4.49 -5.03 19.44
CA PRO B 48 -4.59 -5.79 20.70
C PRO B 48 -5.49 -7.02 20.61
N PRO B 49 -6.55 -7.01 19.80
CA PRO B 49 -7.36 -8.24 19.72
C PRO B 49 -6.56 -9.46 19.33
N TRP B 50 -5.46 -9.27 18.60
CA TRP B 50 -4.60 -10.37 18.18
C TRP B 50 -3.27 -10.36 18.92
N ASP B 51 -3.18 -9.63 20.02
CA ASP B 51 -1.95 -9.59 20.83
C ASP B 51 -0.77 -9.05 20.01
N LYS B 52 -1.04 -8.08 19.16
CA LYS B 52 -0.03 -7.48 18.30
C LYS B 52 0.31 -6.09 18.85
N ASN B 53 1.57 -5.89 19.22
CA ASN B 53 2.05 -4.58 19.65
C ASN B 53 3.55 -4.52 19.44
N PHE B 54 3.96 -4.24 18.22
CA PHE B 54 5.38 -4.32 17.87
C PHE B 54 6.13 -3.09 18.35
N THR B 55 7.40 -3.31 18.70
CA THR B 55 8.34 -2.22 18.94
C THR B 55 9.30 -2.13 17.76
N GLU B 56 10.03 -1.02 17.69
CA GLU B 56 10.93 -0.78 16.56
C GLU B 56 11.89 -1.94 16.36
N ASN B 57 12.46 -2.45 17.44
CA ASN B 57 13.50 -3.46 17.31
C ASN B 57 12.95 -4.83 16.93
N ASP B 58 11.63 -4.98 16.85
CA ASP B 58 11.05 -6.23 16.40
C ASP B 58 11.09 -6.37 14.89
N LEU B 59 11.33 -5.28 14.16
CA LEU B 59 10.93 -5.17 12.76
C LEU B 59 12.08 -4.71 11.87
N LEU B 60 11.97 -5.08 10.60
CA LEU B 60 12.78 -4.53 9.51
C LEU B 60 11.84 -4.14 8.39
N VAL B 61 12.31 -3.24 7.53
CA VAL B 61 11.62 -2.97 6.27
C VAL B 61 12.55 -3.36 5.13
N ARG B 62 11.97 -3.97 4.10
CA ARG B 62 12.68 -4.43 2.92
C ARG B 62 12.10 -3.70 1.73
N ILE B 63 12.96 -2.97 1.02
CA ILE B 63 12.56 -2.01 0.00
C ILE B 63 13.21 -2.44 -1.31
N GLY B 64 12.48 -2.27 -2.42
CA GLY B 64 13.01 -2.66 -3.72
C GLY B 64 12.70 -4.08 -4.10
N LYS B 65 11.80 -4.76 -3.40
CA LYS B 65 11.60 -6.17 -3.61
C LYS B 65 10.61 -6.46 -4.73
N HIS B 66 10.76 -7.67 -5.29
CA HIS B 66 9.85 -8.23 -6.26
C HIS B 66 9.45 -9.63 -5.80
N SER B 67 10.42 -10.54 -5.69
CA SER B 67 10.15 -11.84 -5.09
C SER B 67 9.68 -11.70 -3.64
N ARG B 68 8.69 -12.52 -3.25
CA ARG B 68 8.23 -12.52 -1.87
C ARG B 68 9.29 -13.08 -0.93
N THR B 69 9.85 -14.25 -1.26
CA THR B 69 10.61 -15.01 -0.27
C THR B 69 12.12 -14.93 -0.47
N ARG B 70 12.58 -14.62 -1.67
N ARG B 70 12.60 -14.59 -1.63
CA ARG B 70 14.01 -14.58 -1.96
CA ARG B 70 14.02 -14.68 -1.90
C ARG B 70 14.67 -13.38 -1.31
C ARG B 70 14.72 -13.39 -1.49
N TYR B 71 15.96 -13.53 -1.00
CA TYR B 71 16.81 -12.39 -0.66
C TYR B 71 17.38 -11.84 -1.96
N GLU B 72 16.91 -10.67 -2.37
CA GLU B 72 17.18 -10.15 -3.70
C GLU B 72 18.45 -9.32 -3.67
N ARG B 73 19.56 -10.06 -3.66
CA ARG B 73 20.87 -9.47 -3.50
C ARG B 73 21.16 -8.45 -4.60
N ASN B 74 21.75 -7.33 -4.21
CA ASN B 74 22.11 -6.20 -5.06
C ASN B 74 20.92 -5.41 -5.56
N ILE B 75 19.72 -5.70 -5.09
CA ILE B 75 18.50 -5.03 -5.54
C ILE B 75 17.75 -4.49 -4.35
N GLU B 76 17.30 -5.38 -3.46
CA GLU B 76 16.58 -4.91 -2.30
C GLU B 76 17.54 -4.29 -1.29
N LYS B 77 16.99 -3.40 -0.47
CA LYS B 77 17.70 -2.81 0.65
C LYS B 77 16.88 -3.02 1.90
N ILE B 78 17.56 -3.40 2.98
CA ILE B 78 16.91 -3.72 4.25
C ILE B 78 17.29 -2.65 5.26
N SER B 79 16.28 -2.07 5.91
CA SER B 79 16.48 -0.91 6.77
C SER B 79 15.94 -1.18 8.17
N MET B 80 16.63 -0.65 9.17
N MET B 80 16.61 -0.65 9.17
CA MET B 80 16.16 -0.67 10.54
CA MET B 80 16.13 -0.72 10.54
C MET B 80 15.18 0.46 10.78
C MET B 80 15.30 0.51 10.87
N LEU B 81 14.44 0.35 11.87
CA LEU B 81 13.48 1.39 12.27
C LEU B 81 14.03 2.21 13.42
N GLU B 82 13.99 3.53 13.24
CA GLU B 82 14.31 4.43 14.35
C GLU B 82 13.11 4.59 15.27
N LYS B 83 11.92 4.78 14.70
CA LYS B 83 10.76 5.08 15.53
C LYS B 83 9.46 4.80 14.76
N ILE B 84 8.47 4.26 15.48
CA ILE B 84 7.11 4.07 15.01
C ILE B 84 6.24 5.21 15.55
N TYR B 85 5.35 5.73 14.70
CA TYR B 85 4.34 6.71 15.11
C TYR B 85 2.98 6.22 14.64
N ILE B 86 2.07 6.00 15.57
CA ILE B 86 0.71 5.56 15.27
C ILE B 86 -0.24 6.73 15.47
N HIS B 87 -1.23 6.84 14.61
CA HIS B 87 -2.19 7.92 14.77
C HIS B 87 -2.79 7.86 16.19
N PRO B 88 -2.81 8.97 16.92
CA PRO B 88 -3.29 8.93 18.31
C PRO B 88 -4.78 8.60 18.44
N ARG B 89 -5.56 8.78 17.37
CA ARG B 89 -6.99 8.46 17.37
C ARG B 89 -7.32 7.23 16.53
N TYR B 90 -6.31 6.41 16.23
CA TYR B 90 -6.53 5.11 15.61
C TYR B 90 -7.47 4.28 16.48
N ASN B 91 -8.56 3.78 15.87
CA ASN B 91 -9.60 3.05 16.59
C ASN B 91 -9.49 1.56 16.28
N TRP B 92 -8.62 0.88 17.04
CA TRP B 92 -8.50 -0.56 16.92
C TRP B 92 -9.65 -1.31 17.61
N ARG B 93 -10.43 -0.62 18.44
N ARG B 93 -10.42 -0.63 18.45
CA ARG B 93 -11.47 -1.32 19.20
CA ARG B 93 -11.47 -1.32 19.20
C ARG B 93 -12.69 -1.66 18.37
C ARG B 93 -12.63 -1.70 18.31
N GLU B 94 -12.98 -0.85 17.35
CA GLU B 94 -14.22 -0.96 16.59
C GLU B 94 -13.98 -1.32 15.13
N ASN B 95 -13.52 -0.36 14.31
CA ASN B 95 -13.60 -0.45 12.86
C ASN B 95 -12.32 0.02 12.16
N LEU B 96 -11.20 0.12 12.89
CA LEU B 96 -9.92 0.58 12.33
C LEU B 96 -10.01 2.01 11.79
N ASP B 97 -10.83 2.86 12.38
CA ASP B 97 -10.85 4.25 11.97
C ASP B 97 -9.45 4.86 12.17
N ARG B 98 -9.01 5.62 11.17
CA ARG B 98 -7.70 6.27 11.19
C ARG B 98 -6.56 5.25 11.25
N ASP B 99 -6.62 4.28 10.32
CA ASP B 99 -5.70 3.13 10.30
C ASP B 99 -4.43 3.55 9.55
N ILE B 100 -3.56 4.27 10.27
CA ILE B 100 -2.38 4.87 9.64
C ILE B 100 -1.25 4.94 10.65
N ALA B 101 -0.03 4.68 10.16
CA ALA B 101 1.17 4.76 10.97
C ALA B 101 2.34 5.14 10.08
N LEU B 102 3.32 5.80 10.68
CA LEU B 102 4.57 6.14 10.03
C LEU B 102 5.72 5.45 10.73
N MET B 103 6.75 5.14 9.96
CA MET B 103 7.98 4.53 10.45
C MET B 103 9.14 5.33 9.89
N LYS B 104 9.99 5.83 10.78
CA LYS B 104 11.19 6.56 10.38
C LYS B 104 12.35 5.57 10.37
N LEU B 105 13.12 5.58 9.29
CA LEU B 105 14.25 4.66 9.15
C LEU B 105 15.47 5.20 9.90
N LYS B 106 16.30 4.28 10.36
CA LYS B 106 17.51 4.68 11.06
C LYS B 106 18.44 5.48 10.16
N LYS B 107 18.51 5.13 8.88
CA LYS B 107 19.38 5.81 7.93
C LYS B 107 18.60 5.95 6.64
N PRO B 108 18.89 6.99 5.86
CA PRO B 108 18.19 7.14 4.57
C PRO B 108 18.53 6.02 3.60
N VAL B 109 17.54 5.64 2.82
CA VAL B 109 17.72 4.62 1.79
C VAL B 109 18.12 5.30 0.48
N ALA B 110 19.05 4.66 -0.24
CA ALA B 110 19.45 5.15 -1.56
C ALA B 110 18.39 4.77 -2.60
N PHE B 111 17.94 5.75 -3.36
CA PHE B 111 17.01 5.46 -4.45
C PHE B 111 17.74 4.76 -5.59
N SER B 112 16.99 4.02 -6.41
CA SER B 112 17.53 3.23 -7.50
C SER B 112 16.43 3.01 -8.53
N ASP B 113 16.71 2.17 -9.53
CA ASP B 113 15.64 1.83 -10.48
C ASP B 113 14.48 1.12 -9.80
N TYR B 114 14.72 0.51 -8.63
CA TYR B 114 13.76 -0.34 -7.94
C TYR B 114 13.20 0.28 -6.67
N ILE B 115 13.72 1.44 -6.28
CA ILE B 115 13.43 2.07 -5.00
C ILE B 115 13.19 3.55 -5.29
N HIS B 116 11.94 4.00 -5.08
CA HIS B 116 11.61 5.38 -5.42
C HIS B 116 10.33 5.74 -4.68
N PRO B 117 10.19 6.97 -4.16
CA PRO B 117 9.00 7.30 -3.35
C PRO B 117 7.78 7.64 -4.19
N VAL B 118 6.62 7.33 -3.60
CA VAL B 118 5.33 7.72 -4.15
C VAL B 118 4.99 9.11 -3.63
N CYS B 119 4.13 9.85 -4.36
CA CYS B 119 3.63 11.12 -3.85
C CYS B 119 2.45 10.94 -2.92
N LEU B 120 2.32 11.88 -1.97
CA LEU B 120 1.09 11.97 -1.22
C LEU B 120 0.18 13.03 -1.84
N PRO B 121 -1.13 12.81 -1.84
CA PRO B 121 -2.02 13.72 -2.54
C PRO B 121 -2.14 15.06 -1.85
N ASP B 122 -2.25 16.10 -2.68
CA ASP B 122 -2.76 17.38 -2.27
C ASP B 122 -4.29 17.36 -2.31
N ARG B 123 -4.91 18.40 -1.75
CA ARG B 123 -6.37 18.46 -1.66
C ARG B 123 -7.01 18.38 -3.05
N GLU B 124 -6.44 19.08 -4.03
CA GLU B 124 -7.03 19.13 -5.37
C GLU B 124 -6.92 17.80 -6.10
N THR B 125 -5.78 17.13 -6.00
N THR B 125 -5.79 17.12 -5.98
CA THR B 125 -5.66 15.82 -6.63
CA THR B 125 -5.65 15.81 -6.61
C THR B 125 -6.63 14.84 -5.98
C THR B 125 -6.60 14.80 -5.97
N ALA B 126 -6.76 14.88 -4.66
CA ALA B 126 -7.70 14.00 -3.98
C ALA B 126 -9.13 14.28 -4.41
N ALA B 127 -9.50 15.56 -4.48
CA ALA B 127 -10.86 15.90 -4.86
C ALA B 127 -11.15 15.44 -6.28
N SER B 128 -10.16 15.59 -7.17
CA SER B 128 -10.37 15.22 -8.57
C SER B 128 -10.47 13.71 -8.76
N LEU B 129 -9.65 12.94 -8.05
CA LEU B 129 -9.51 11.53 -8.36
C LEU B 129 -10.31 10.59 -7.45
N LEU B 130 -10.68 11.02 -6.26
N LEU B 130 -10.71 10.99 -6.25
CA LEU B 130 -11.46 10.18 -5.33
CA LEU B 130 -11.37 10.05 -5.36
C LEU B 130 -12.92 10.26 -5.73
C LEU B 130 -12.89 10.05 -5.61
N GLN B 131 -13.25 9.55 -6.80
CA GLN B 131 -14.60 9.54 -7.31
C GLN B 131 -15.00 8.12 -7.66
N ALA B 132 -16.27 7.80 -7.43
CA ALA B 132 -16.77 6.46 -7.72
C ALA B 132 -16.55 6.13 -9.19
N GLY B 133 -16.06 4.92 -9.45
CA GLY B 133 -15.75 4.46 -10.77
C GLY B 133 -14.30 4.65 -11.15
N TYR B 134 -13.64 5.63 -10.57
CA TYR B 134 -12.24 5.85 -10.89
C TYR B 134 -11.40 4.73 -10.26
N LYS B 135 -10.45 4.20 -11.01
CA LYS B 135 -9.69 3.05 -10.55
C LYS B 135 -8.35 3.44 -9.97
N GLY B 136 -7.97 2.71 -8.91
CA GLY B 136 -6.63 2.74 -8.39
C GLY B 136 -6.03 1.35 -8.46
N ARG B 137 -4.83 1.25 -7.91
CA ARG B 137 -4.04 0.04 -8.02
C ARG B 137 -3.54 -0.35 -6.64
N VAL B 138 -3.69 -1.62 -6.31
CA VAL B 138 -3.30 -2.17 -5.02
C VAL B 138 -2.24 -3.25 -5.26
N THR B 139 -1.21 -3.28 -4.42
CA THR B 139 -0.09 -4.18 -4.61
C THR B 139 0.27 -4.84 -3.27
N GLY B 140 0.73 -6.08 -3.35
CA GLY B 140 1.14 -6.74 -2.12
C GLY B 140 1.56 -8.18 -2.36
N TRP B 141 2.12 -8.75 -1.30
CA TRP B 141 2.56 -10.14 -1.27
C TRP B 141 1.65 -11.02 -0.41
N GLY B 142 0.44 -10.54 -0.12
CA GLY B 142 -0.49 -11.28 0.73
C GLY B 142 -1.11 -12.45 -0.02
N ASN B 143 -2.03 -13.12 0.69
CA ASN B 143 -2.60 -14.35 0.17
C ASN B 143 -3.36 -14.14 -1.13
N LEU B 144 -3.30 -15.17 -1.97
CA LEU B 144 -3.98 -15.17 -3.26
C LEU B 144 -5.46 -15.52 -3.16
N LYS B 145 -5.90 -16.09 -2.03
CA LYS B 145 -7.29 -16.46 -1.82
C LYS B 145 -7.59 -16.36 -0.33
N GLU B 146 -8.87 -16.18 -0.02
CA GLU B 146 -9.26 -16.06 1.39
C GLU B 146 -8.94 -17.33 2.17
N THR B 147 -9.25 -18.48 1.59
CA THR B 147 -9.09 -19.77 2.28
C THR B 147 -8.21 -20.71 1.48
N GLY B 155 -1.80 -20.61 -2.78
CA GLY B 155 -2.06 -19.80 -1.60
C GLY B 155 -1.28 -18.50 -1.49
N GLN B 156 0.03 -18.54 -1.67
CA GLN B 156 0.86 -17.36 -1.51
C GLN B 156 1.73 -17.14 -2.74
N PRO B 157 1.99 -15.87 -3.10
CA PRO B 157 2.64 -15.61 -4.39
C PRO B 157 4.16 -15.70 -4.38
N SER B 158 4.70 -16.05 -5.55
CA SER B 158 6.15 -16.01 -5.73
C SER B 158 6.65 -14.57 -5.81
N VAL B 159 5.90 -13.67 -6.47
CA VAL B 159 6.33 -12.30 -6.65
C VAL B 159 5.18 -11.35 -6.34
N LEU B 160 5.54 -10.08 -6.20
CA LEU B 160 4.56 -9.02 -5.92
C LEU B 160 3.38 -9.10 -6.88
N GLN B 161 2.18 -8.96 -6.33
CA GLN B 161 0.95 -9.01 -7.09
C GLN B 161 0.35 -7.62 -7.21
N VAL B 162 -0.39 -7.40 -8.30
N VAL B 162 -0.38 -7.38 -8.30
CA VAL B 162 -1.02 -6.13 -8.62
CA VAL B 162 -0.98 -6.08 -8.59
C VAL B 162 -2.46 -6.40 -8.99
C VAL B 162 -2.41 -6.30 -9.10
N VAL B 163 -3.33 -5.45 -8.66
CA VAL B 163 -4.72 -5.47 -9.14
C VAL B 163 -5.22 -4.03 -9.20
N ASN B 164 -5.95 -3.72 -10.27
CA ASN B 164 -6.60 -2.42 -10.43
C ASN B 164 -8.06 -2.56 -10.04
N LEU B 165 -8.56 -1.63 -9.22
CA LEU B 165 -9.92 -1.73 -8.69
C LEU B 165 -10.63 -0.37 -8.67
N PRO B 166 -11.92 -0.33 -8.99
CA PRO B 166 -12.65 0.94 -8.96
C PRO B 166 -13.10 1.35 -7.56
N ILE B 167 -13.00 2.65 -7.29
CA ILE B 167 -13.58 3.23 -6.10
C ILE B 167 -15.10 3.08 -6.17
N VAL B 168 -15.72 2.81 -5.03
CA VAL B 168 -17.15 2.56 -4.97
C VAL B 168 -17.87 3.71 -4.29
N GLU B 169 -19.10 3.96 -4.74
CA GLU B 169 -19.95 4.97 -4.13
C GLU B 169 -20.10 4.73 -2.63
N ARG B 170 -20.03 5.80 -1.85
CA ARG B 170 -20.08 5.64 -0.40
C ARG B 170 -21.35 4.94 0.10
N PRO B 171 -22.55 5.20 -0.43
CA PRO B 171 -23.72 4.46 0.06
C PRO B 171 -23.62 2.97 -0.21
N VAL B 172 -23.02 2.57 -1.34
CA VAL B 172 -22.82 1.15 -1.63
C VAL B 172 -21.84 0.54 -0.64
N CYS B 173 -20.74 1.25 -0.36
CA CYS B 173 -19.82 0.76 0.67
C CYS B 173 -20.55 0.54 1.98
N LYS B 174 -21.34 1.52 2.41
CA LYS B 174 -22.02 1.43 3.69
C LYS B 174 -23.03 0.30 3.70
N ASP B 175 -23.72 0.10 2.59
CA ASP B 175 -24.78 -0.91 2.52
C ASP B 175 -24.25 -2.33 2.35
N SER B 176 -22.93 -2.48 2.23
CA SER B 176 -22.33 -3.79 2.06
C SER B 176 -21.96 -4.43 3.39
N THR B 177 -22.14 -3.72 4.51
CA THR B 177 -21.58 -4.16 5.78
C THR B 177 -22.43 -3.66 6.94
N ARG B 178 -22.30 -4.31 8.09
CA ARG B 178 -22.87 -3.80 9.31
C ARG B 178 -21.89 -2.91 10.08
N ILE B 179 -20.63 -2.86 9.66
CA ILE B 179 -19.64 -2.03 10.33
C ILE B 179 -19.89 -0.57 10.00
N ARG B 180 -19.61 0.30 10.97
CA ARG B 180 -19.72 1.74 10.77
C ARG B 180 -18.56 2.23 9.90
N ILE B 181 -18.88 2.85 8.78
CA ILE B 181 -17.88 3.40 7.87
C ILE B 181 -17.72 4.88 8.17
N THR B 182 -16.48 5.35 8.24
CA THR B 182 -16.21 6.74 8.54
C THR B 182 -15.64 7.47 7.32
N ASP B 183 -15.58 8.80 7.45
CA ASP B 183 -15.01 9.63 6.39
C ASP B 183 -13.52 9.38 6.21
N ASN B 184 -12.87 8.69 7.16
CA ASN B 184 -11.46 8.35 7.04
C ASN B 184 -11.21 7.05 6.29
N MET B 185 -12.24 6.52 5.64
CA MET B 185 -12.17 5.30 4.84
C MET B 185 -12.84 5.54 3.51
N PHE B 186 -12.39 4.80 2.49
CA PHE B 186 -13.17 4.61 1.28
C PHE B 186 -13.11 3.12 0.92
N CYS B 187 -14.03 2.69 0.06
CA CYS B 187 -13.97 1.30 -0.36
C CYS B 187 -13.83 1.19 -1.87
N ALA B 188 -13.33 0.04 -2.30
CA ALA B 188 -13.04 -0.22 -3.71
C ALA B 188 -13.23 -1.70 -4.02
N GLY B 189 -13.53 -1.97 -5.27
CA GLY B 189 -13.74 -3.34 -5.74
C GLY B 189 -14.88 -3.35 -6.73
N TYR B 190 -15.03 -4.46 -7.44
CA TYR B 190 -16.12 -4.61 -8.39
C TYR B 190 -17.37 -5.11 -7.69
N LYS B 191 -18.50 -4.75 -8.26
CA LYS B 191 -19.78 -5.25 -7.80
C LYS B 191 -20.05 -6.61 -8.39
N PRO B 192 -20.93 -7.40 -7.78
CA PRO B 192 -21.25 -8.72 -8.34
C PRO B 192 -21.66 -8.67 -9.81
N ASP B 193 -22.44 -7.68 -10.23
CA ASP B 193 -22.90 -7.62 -11.61
C ASP B 193 -21.85 -7.11 -12.59
N GLU B 194 -20.66 -6.75 -12.12
CA GLU B 194 -19.64 -6.18 -13.00
C GLU B 194 -18.73 -7.23 -13.63
N GLY B 195 -18.79 -8.50 -13.22
N GLY B 195 -18.87 -8.49 -13.21
CA GLY B 195 -18.09 -9.54 -13.98
CA GLY B 195 -18.10 -9.60 -13.75
C GLY B 195 -16.58 -9.41 -14.08
C GLY B 195 -16.70 -9.71 -13.21
N LYS B 196 -15.97 -8.60 -13.21
CA LYS B 196 -14.55 -8.66 -12.90
C LYS B 196 -14.39 -8.78 -11.40
N ARG B 197 -13.21 -9.19 -10.94
CA ARG B 197 -13.00 -9.51 -9.53
C ARG B 197 -11.69 -8.89 -9.07
N GLY B 198 -11.39 -9.09 -7.80
CA GLY B 198 -10.14 -8.65 -7.23
C GLY B 198 -10.28 -7.98 -5.88
N ASP B 199 -9.27 -8.16 -5.04
CA ASP B 199 -9.29 -7.57 -3.71
C ASP B 199 -7.89 -7.73 -3.11
N ALA B 200 -7.65 -6.96 -2.05
CA ALA B 200 -6.57 -7.26 -1.15
C ALA B 200 -6.95 -8.46 -0.27
N CYS B 201 -5.96 -8.99 0.45
CA CYS B 201 -6.21 -10.09 1.36
C CYS B 201 -5.22 -10.03 2.52
N GLU B 202 -5.27 -11.04 3.39
CA GLU B 202 -4.35 -11.13 4.51
C GLU B 202 -2.91 -11.03 4.00
N GLY B 203 -2.12 -10.20 4.68
CA GLY B 203 -0.74 -9.95 4.30
C GLY B 203 -0.55 -8.74 3.41
N ASP B 204 -1.62 -8.25 2.78
CA ASP B 204 -1.56 -7.03 1.99
C ASP B 204 -1.77 -5.78 2.82
N SER B 205 -2.28 -5.95 4.05
CA SER B 205 -2.42 -4.86 5.03
C SER B 205 -1.26 -3.90 4.97
N GLY B 206 -1.59 -2.61 4.94
CA GLY B 206 -0.59 -1.58 5.04
C GLY B 206 0.01 -1.13 3.73
N GLY B 207 -0.20 -1.89 2.64
CA GLY B 207 0.29 -1.50 1.34
C GLY B 207 -0.55 -0.43 0.72
N PRO B 208 -0.09 0.06 -0.42
CA PRO B 208 -0.71 1.26 -1.00
C PRO B 208 -1.79 0.98 -2.03
N PHE B 209 -2.78 1.89 -2.05
CA PHE B 209 -3.75 2.07 -3.13
C PHE B 209 -3.32 3.35 -3.83
N VAL B 210 -2.85 3.22 -5.08
CA VAL B 210 -2.27 4.34 -5.81
C VAL B 210 -3.10 4.66 -7.03
N MET B 211 -3.00 5.92 -7.47
CA MET B 211 -3.67 6.40 -8.68
C MET B 211 -2.66 7.23 -9.45
N LYS B 212 -2.73 7.17 -10.77
CA LYS B 212 -1.80 7.95 -11.61
C LYS B 212 -2.52 9.21 -12.07
N SER B 213 -2.04 10.35 -11.61
CA SER B 213 -2.70 11.59 -11.96
C SER B 213 -2.64 11.80 -13.47
N PRO B 214 -3.77 12.06 -14.14
CA PRO B 214 -3.73 12.40 -15.57
C PRO B 214 -3.32 13.83 -15.83
N PHE B 215 -3.19 14.63 -14.77
CA PHE B 215 -2.80 16.03 -14.89
C PHE B 215 -1.30 16.19 -14.95
N ASN B 216 -0.56 15.45 -14.12
CA ASN B 216 0.89 15.59 -14.08
C ASN B 216 1.67 14.28 -14.23
N ASN B 217 1.04 13.16 -14.55
N ASN B 217 0.94 13.18 -14.46
CA ASN B 217 1.80 11.94 -14.88
CA ASN B 217 1.51 11.88 -14.77
C ASN B 217 2.35 11.22 -13.64
C ASN B 217 2.45 11.41 -13.67
N ARG B 218 2.07 11.68 -12.43
CA ARG B 218 2.72 11.14 -11.23
C ARG B 218 1.76 10.22 -10.48
N TRP B 219 2.34 9.23 -9.81
CA TRP B 219 1.58 8.33 -8.96
C TRP B 219 1.43 8.90 -7.54
N TYR B 220 0.19 8.87 -7.06
CA TYR B 220 -0.19 9.33 -5.74
C TYR B 220 -0.79 8.19 -4.93
N GLN B 221 -0.44 8.13 -3.65
CA GLN B 221 -1.02 7.15 -2.74
C GLN B 221 -2.27 7.73 -2.08
N MET B 222 -3.42 7.25 -2.54
CA MET B 222 -4.69 7.73 -2.02
C MET B 222 -5.18 6.90 -0.85
N GLY B 223 -4.77 5.63 -0.76
CA GLY B 223 -5.29 4.76 0.27
C GLY B 223 -4.22 3.82 0.83
N ILE B 224 -4.57 3.24 1.99
CA ILE B 224 -3.78 2.20 2.64
C ILE B 224 -4.67 0.99 2.81
N VAL B 225 -4.19 -0.19 2.44
CA VAL B 225 -4.95 -1.43 2.63
C VAL B 225 -5.29 -1.58 4.10
N SER B 226 -6.59 -1.59 4.43
CA SER B 226 -7.05 -1.59 5.81
C SER B 226 -7.84 -2.85 6.18
N TRP B 227 -9.04 -3.07 5.64
CA TRP B 227 -9.81 -4.22 6.13
C TRP B 227 -10.84 -4.65 5.09
N GLY B 228 -11.31 -5.89 5.27
CA GLY B 228 -12.35 -6.42 4.43
C GLY B 228 -12.97 -7.63 5.10
N GLU B 229 -14.24 -7.85 4.81
N GLU B 229 -14.22 -7.87 4.78
CA GLU B 229 -14.97 -9.01 5.32
CA GLU B 229 -14.95 -9.01 5.33
C GLU B 229 -14.67 -10.17 4.37
C GLU B 229 -14.70 -10.20 4.40
N GLY B 230 -13.65 -10.95 4.71
CA GLY B 230 -13.15 -11.96 3.80
C GLY B 230 -12.16 -11.34 2.84
N CYS B 231 -11.97 -12.03 1.71
CA CYS B 231 -11.23 -11.45 0.59
C CYS B 231 -11.99 -11.77 -0.69
N ASP B 232 -12.22 -10.76 -1.51
CA ASP B 232 -12.86 -10.95 -2.82
C ASP B 232 -14.22 -11.63 -2.72
N ARG B 233 -14.98 -11.37 -1.67
CA ARG B 233 -16.33 -11.92 -1.58
C ARG B 233 -17.31 -11.09 -2.39
N ASP B 234 -18.23 -11.77 -3.06
CA ASP B 234 -19.30 -11.08 -3.79
C ASP B 234 -20.09 -10.21 -2.83
N GLY B 235 -20.29 -8.94 -3.21
CA GLY B 235 -21.06 -8.02 -2.41
C GLY B 235 -20.30 -7.34 -1.30
N LYS B 236 -19.06 -7.75 -1.04
CA LYS B 236 -18.19 -7.04 -0.11
C LYS B 236 -17.18 -6.23 -0.92
N TYR B 237 -16.50 -5.33 -0.21
CA TYR B 237 -15.49 -4.46 -0.80
C TYR B 237 -14.29 -4.38 0.13
N GLY B 238 -13.16 -3.97 -0.42
CA GLY B 238 -12.01 -3.66 0.40
C GLY B 238 -12.11 -2.23 0.91
N PHE B 239 -11.69 -2.03 2.15
CA PHE B 239 -11.70 -0.72 2.78
C PHE B 239 -10.28 -0.22 2.99
N TYR B 240 -10.08 1.06 2.66
CA TYR B 240 -8.79 1.70 2.58
C TYR B 240 -8.78 2.96 3.42
N THR B 241 -7.67 3.18 4.12
CA THR B 241 -7.50 4.44 4.84
C THR B 241 -7.42 5.59 3.85
N HIS B 242 -8.17 6.65 4.12
CA HIS B 242 -8.20 7.86 3.29
C HIS B 242 -6.99 8.72 3.63
N VAL B 243 -5.94 8.59 2.82
CA VAL B 243 -4.65 9.22 3.13
C VAL B 243 -4.78 10.74 3.21
N PHE B 244 -5.43 11.36 2.22
CA PHE B 244 -5.53 12.80 2.25
C PHE B 244 -6.21 13.30 3.52
N ARG B 245 -7.28 12.62 3.97
CA ARG B 245 -7.98 13.08 5.16
C ARG B 245 -7.08 13.12 6.37
N LEU B 246 -6.04 12.27 6.40
CA LEU B 246 -5.12 12.18 7.52
C LEU B 246 -3.77 12.84 7.23
N LYS B 247 -3.68 13.61 6.16
CA LYS B 247 -2.39 14.17 5.77
C LYS B 247 -1.89 15.23 6.76
N LYS B 248 -2.78 15.96 7.43
CA LYS B 248 -2.32 16.94 8.41
C LYS B 248 -1.54 16.26 9.53
N TRP B 249 -2.00 15.09 9.94
CA TRP B 249 -1.26 14.32 10.93
C TRP B 249 0.10 13.87 10.37
N ILE B 250 0.10 13.36 9.14
CA ILE B 250 1.35 12.96 8.50
C ILE B 250 2.33 14.13 8.52
N GLN B 251 1.87 15.30 8.09
CA GLN B 251 2.75 16.46 8.02
C GLN B 251 3.24 16.86 9.40
N LYS B 252 2.36 16.78 10.40
CA LYS B 252 2.76 17.12 11.76
C LYS B 252 3.89 16.21 12.24
N VAL B 253 3.76 14.91 12.01
CA VAL B 253 4.78 13.98 12.48
C VAL B 253 6.11 14.25 11.79
N ILE B 254 6.09 14.37 10.46
CA ILE B 254 7.33 14.58 9.73
C ILE B 254 7.97 15.91 10.12
N ASP B 255 7.15 16.95 10.27
CA ASP B 255 7.68 18.26 10.67
C ASP B 255 8.27 18.22 12.07
N GLN B 256 7.65 17.45 12.98
CA GLN B 256 8.10 17.42 14.37
C GLN B 256 9.31 16.50 14.55
N PHE B 257 9.33 15.38 13.83
CA PHE B 257 10.38 14.38 14.02
C PHE B 257 11.17 14.19 12.74
N ASP C 2 9.79 -20.45 4.99
CA ASP C 2 9.77 -20.46 3.52
C ASP C 2 10.55 -19.27 2.95
N PHE C 3 11.04 -18.38 3.82
CA PHE C 3 11.82 -17.23 3.39
C PHE C 3 13.31 -17.56 3.40
N GLU C 4 14.00 -17.11 2.36
CA GLU C 4 15.46 -17.22 2.33
C GLU C 4 16.05 -16.36 3.45
N GLU C 5 17.06 -16.90 4.13
CA GLU C 5 17.72 -16.17 5.20
C GLU C 5 18.27 -14.85 4.69
N ILE C 6 18.16 -13.81 5.50
CA ILE C 6 18.69 -12.50 5.15
C ILE C 6 20.07 -12.35 5.79
N PRO C 7 20.93 -11.49 5.26
CA PRO C 7 22.27 -11.35 5.84
C PRO C 7 22.22 -11.03 7.34
N GLU C 8 23.15 -11.64 8.09
CA GLU C 8 23.16 -11.48 9.54
C GLU C 8 23.34 -10.02 9.95
N GLU C 9 24.00 -9.23 9.12
CA GLU C 9 24.22 -7.81 9.43
C GLU C 9 22.92 -7.05 9.76
N LEU C 11 20.32 -8.25 11.31
CA LEU C 11 19.64 -8.78 12.49
C LEU C 11 20.40 -8.46 13.78
N GLN C 12 21.59 -7.87 13.63
CA GLN C 12 22.48 -7.65 14.77
C GLN C 12 22.01 -6.45 15.60
#